data_8F2E
#
_entry.id   8F2E
#
_cell.length_a   109.415
_cell.length_b   109.415
_cell.length_c   61.226
_cell.angle_alpha   90.00
_cell.angle_beta   90.00
_cell.angle_gamma   120.00
#
_symmetry.space_group_name_H-M   'P 65'
#
loop_
_entity.id
_entity.type
_entity.pdbx_description
1 polymer 'Papain-like protease nsp3'
2 non-polymer GLYCEROL
3 water water
#
_entity_poly.entity_id   1
_entity_poly.type   'polypeptide(L)'
_entity_poly.pdbx_seq_one_letter_code
;GKRPINPTDQSSYIVDSVTVKNGSIHLYFDKAGQKTYERHSLSHFVNLDNLRANNTKGSLPINVIVFDGKSKCEESSAKS
ASVYYSQLMCQPILLLDQALVSDVGDSAEVAVKMFDAYVNTFSSTFNVPMEKLKTLVATAEAELAKNVSLDNVLSTFISA
ARQGFVDSDVETKDVVECLKLSHQSDIEVTGDSCNNYMLTYNKVENMTPRDLGACIDCSARHINAQVAKSHNIALIWNVK
DFMSLSEQLRKQIRSAAKKNNLPFKLTCATTRQVVNVVTTKIALKGG
;
_entity_poly.pdbx_strand_id   A
#
loop_
_chem_comp.id
_chem_comp.type
_chem_comp.name
_chem_comp.formula
GOL non-polymer GLYCEROL 'C3 H8 O3'
#
# COMPACT_ATOMS: atom_id res chain seq x y z
N PRO A 7 8.29 -27.70 8.29
CA PRO A 7 7.08 -26.97 8.66
C PRO A 7 6.79 -25.87 7.64
N THR A 8 5.81 -26.09 6.76
CA THR A 8 5.45 -25.11 5.70
C THR A 8 4.51 -24.04 6.26
N ASP A 9 4.21 -23.00 5.49
CA ASP A 9 3.39 -21.84 5.96
C ASP A 9 1.89 -22.16 6.04
N GLN A 10 1.52 -23.03 7.00
CA GLN A 10 0.17 -23.52 7.37
C GLN A 10 -0.98 -22.91 6.57
N SER A 11 -1.70 -21.95 7.19
CA SER A 11 -2.86 -21.24 6.61
C SER A 11 -3.21 -20.10 7.56
N SER A 12 -2.99 -20.30 8.85
CA SER A 12 -3.17 -19.24 9.82
C SER A 12 -2.17 -19.32 10.97
N TYR A 13 -1.99 -18.18 11.67
CA TYR A 13 -1.20 -18.08 12.90
C TYR A 13 -1.95 -17.20 13.88
N ILE A 14 -1.89 -17.53 15.18
CA ILE A 14 -2.53 -16.75 16.22
C ILE A 14 -1.63 -15.55 16.57
N VAL A 15 -2.21 -14.35 16.67
CA VAL A 15 -1.46 -13.15 17.09
C VAL A 15 -1.42 -13.23 18.63
N ASP A 16 -0.22 -13.18 19.22
CA ASP A 16 -0.03 -13.28 20.67
C ASP A 16 0.03 -11.91 21.34
N SER A 17 0.62 -10.93 20.64
CA SER A 17 0.82 -9.57 21.15
C SER A 17 0.79 -8.56 20.02
N VAL A 18 0.72 -7.27 20.36
CA VAL A 18 0.65 -6.15 19.41
C VAL A 18 1.50 -4.95 19.90
N THR A 19 2.09 -4.16 18.97
CA THR A 19 2.83 -2.91 19.28
C THR A 19 2.49 -1.88 18.18
N VAL A 20 2.33 -0.60 18.56
CA VAL A 20 2.02 0.49 17.62
C VAL A 20 3.16 1.53 17.62
N LYS A 21 3.50 2.09 16.43
CA LYS A 21 4.53 3.14 16.24
C LYS A 21 4.45 3.75 14.80
N ASN A 22 4.36 5.09 14.71
CA ASN A 22 4.33 5.87 13.45
C ASN A 22 3.23 5.43 12.44
N GLY A 23 1.97 5.39 12.89
CA GLY A 23 0.83 5.05 12.04
C GLY A 23 0.76 3.61 11.57
N SER A 24 1.64 2.74 12.10
CA SER A 24 1.72 1.32 11.76
C SER A 24 1.54 0.45 13.00
N ILE A 25 1.09 -0.77 12.80
CA ILE A 25 0.93 -1.76 13.87
C ILE A 25 1.78 -3.00 13.52
N HIS A 26 2.34 -3.68 14.54
CA HIS A 26 3.05 -4.94 14.39
C HIS A 26 2.23 -6.02 15.10
N LEU A 27 1.98 -7.14 14.41
CA LEU A 27 1.22 -8.28 14.97
C LEU A 27 2.21 -9.41 15.19
N TYR A 28 2.41 -9.83 16.46
CA TYR A 28 3.43 -10.82 16.77
C TYR A 28 2.85 -12.21 16.86
N PHE A 29 3.54 -13.17 16.24
CA PHE A 29 3.17 -14.58 16.21
C PHE A 29 4.42 -15.45 16.21
N ASP A 30 4.23 -16.72 16.59
CA ASP A 30 5.30 -17.70 16.61
C ASP A 30 5.17 -18.56 15.37
N LYS A 31 6.19 -18.52 14.51
CA LYS A 31 6.29 -19.34 13.31
C LYS A 31 7.44 -20.33 13.51
N ALA A 32 7.09 -21.63 13.67
CA ALA A 32 8.01 -22.74 13.87
C ALA A 32 9.08 -22.44 14.96
N GLY A 33 8.62 -21.90 16.09
CA GLY A 33 9.48 -21.57 17.23
C GLY A 33 10.26 -20.28 17.14
N GLN A 34 10.02 -19.48 16.10
CA GLN A 34 10.70 -18.20 15.92
C GLN A 34 9.69 -17.06 16.01
N LYS A 35 9.95 -16.05 16.87
CA LYS A 35 9.07 -14.91 17.01
C LYS A 35 9.16 -14.08 15.74
N THR A 36 7.98 -13.84 15.12
CA THR A 36 7.83 -13.12 13.86
C THR A 36 6.73 -12.05 13.99
N TYR A 37 6.69 -11.12 13.04
CA TYR A 37 5.64 -10.11 12.93
C TYR A 37 5.41 -9.72 11.48
N GLU A 38 4.20 -9.22 11.26
CA GLU A 38 3.75 -8.60 10.03
C GLU A 38 3.33 -7.19 10.37
N ARG A 39 3.69 -6.25 9.51
CA ARG A 39 3.37 -4.82 9.67
C ARG A 39 2.20 -4.49 8.75
N HIS A 40 1.26 -3.69 9.30
CA HIS A 40 0.06 -3.17 8.64
C HIS A 40 -0.18 -1.72 9.08
N SER A 41 -0.75 -0.87 8.18
CA SER A 41 -1.12 0.48 8.55
C SER A 41 -2.25 0.45 9.60
N LEU A 42 -2.22 1.43 10.53
CA LEU A 42 -3.19 1.52 11.62
C LEU A 42 -4.63 1.77 11.14
N SER A 43 -4.80 2.34 9.92
CA SER A 43 -6.09 2.69 9.32
C SER A 43 -7.04 1.50 9.25
N HIS A 44 -6.52 0.29 8.97
CA HIS A 44 -7.36 -0.90 8.91
C HIS A 44 -7.90 -1.33 10.28
N PHE A 45 -7.46 -0.68 11.38
CA PHE A 45 -7.82 -1.08 12.73
C PHE A 45 -8.75 -0.08 13.43
N VAL A 46 -9.27 0.93 12.71
CA VAL A 46 -10.21 1.88 13.30
C VAL A 46 -11.60 1.20 13.41
N ASN A 47 -12.07 0.55 12.31
CA ASN A 47 -13.28 -0.24 12.26
C ASN A 47 -12.88 -1.70 11.96
N LEU A 48 -13.01 -2.57 12.98
CA LEU A 48 -12.59 -3.97 12.96
C LEU A 48 -13.56 -4.89 12.17
N ASP A 49 -14.80 -4.44 11.90
CA ASP A 49 -15.85 -5.19 11.18
C ASP A 49 -15.41 -5.69 9.78
N ASN A 50 -14.51 -4.94 9.11
CA ASN A 50 -13.93 -5.23 7.80
C ASN A 50 -12.98 -6.41 7.84
N LEU A 51 -12.58 -6.81 9.07
CA LEU A 51 -11.63 -7.90 9.30
C LEU A 51 -12.31 -9.13 9.93
N ARG A 52 -13.64 -9.08 10.07
CA ARG A 52 -14.41 -10.21 10.63
C ARG A 52 -14.67 -11.21 9.50
N ALA A 53 -14.66 -12.52 9.83
CA ALA A 53 -14.83 -13.61 8.87
C ALA A 53 -16.18 -13.57 8.12
N ASN A 54 -17.24 -13.13 8.79
CA ASN A 54 -18.56 -13.08 8.11
C ASN A 54 -18.47 -12.07 6.95
N ASN A 55 -17.85 -11.00 7.13
CA ASN A 55 -17.66 -9.82 6.24
C ASN A 55 -19.00 -9.33 5.69
N THR A 56 -18.95 -8.77 4.42
CA THR A 56 -20.22 -8.43 3.71
C THR A 56 -19.97 -8.53 2.20
N LYS A 57 -18.76 -8.70 1.79
CA LYS A 57 -18.32 -8.78 0.37
C LYS A 57 -17.64 -10.14 0.13
N GLY A 58 -16.88 -10.64 1.11
CA GLY A 58 -16.20 -11.92 0.97
C GLY A 58 -14.76 -11.70 0.52
N SER A 59 -14.10 -10.72 1.13
CA SER A 59 -12.68 -10.40 0.84
C SER A 59 -12.11 -9.58 2.00
N LEU A 60 -10.82 -9.73 2.30
CA LEU A 60 -10.22 -8.99 3.40
C LEU A 60 -9.27 -7.92 2.85
N PRO A 61 -9.24 -6.67 3.40
CA PRO A 61 -8.28 -5.66 2.91
C PRO A 61 -6.80 -6.01 3.21
N ILE A 62 -6.58 -6.80 4.29
CA ILE A 62 -5.27 -7.28 4.73
C ILE A 62 -5.45 -8.76 5.12
N ASN A 63 -4.34 -9.53 5.20
CA ASN A 63 -4.38 -10.95 5.59
C ASN A 63 -4.53 -11.06 7.12
N VAL A 64 -5.63 -10.52 7.67
CA VAL A 64 -5.92 -10.53 9.12
C VAL A 64 -7.38 -10.84 9.33
N ILE A 65 -7.68 -11.68 10.34
CA ILE A 65 -9.06 -11.94 10.72
C ILE A 65 -9.19 -11.60 12.21
N VAL A 66 -10.04 -10.58 12.51
CA VAL A 66 -10.40 -10.17 13.87
C VAL A 66 -11.54 -11.06 14.36
N PHE A 67 -11.43 -11.56 15.60
CA PHE A 67 -12.44 -12.39 16.25
C PHE A 67 -12.53 -12.03 17.75
N ASP A 68 -13.54 -12.59 18.46
CA ASP A 68 -13.73 -12.40 19.90
C ASP A 68 -13.18 -13.62 20.65
N GLY A 69 -12.01 -13.44 21.26
CA GLY A 69 -11.31 -14.45 22.05
C GLY A 69 -12.06 -14.95 23.27
N LYS A 70 -13.15 -14.25 23.66
CA LYS A 70 -14.02 -14.62 24.78
C LYS A 70 -15.06 -15.68 24.32
N SER A 71 -15.24 -15.81 22.99
CA SER A 71 -16.18 -16.75 22.35
C SER A 71 -15.41 -17.83 21.56
N LYS A 72 -15.63 -19.10 21.97
CA LYS A 72 -15.04 -20.33 21.41
C LYS A 72 -15.31 -20.49 19.89
N CYS A 73 -16.57 -20.27 19.48
CA CYS A 73 -17.09 -20.37 18.11
C CYS A 73 -16.44 -19.36 17.18
N GLU A 74 -16.35 -18.07 17.60
CA GLU A 74 -15.73 -17.02 16.80
C GLU A 74 -14.28 -17.36 16.42
N GLU A 75 -13.52 -17.97 17.36
CA GLU A 75 -12.12 -18.35 17.11
C GLU A 75 -12.01 -19.51 16.11
N SER A 76 -12.81 -20.57 16.31
CA SER A 76 -12.84 -21.77 15.47
C SER A 76 -13.34 -21.45 14.07
N SER A 77 -14.41 -20.61 13.98
CA SER A 77 -14.98 -20.14 12.71
C SER A 77 -13.93 -19.36 11.91
N ALA A 78 -13.21 -18.44 12.57
CA ALA A 78 -12.16 -17.64 11.97
C ALA A 78 -11.02 -18.51 11.46
N LYS A 79 -10.67 -19.59 12.23
CA LYS A 79 -9.61 -20.52 11.86
C LYS A 79 -10.04 -21.27 10.59
N SER A 80 -11.32 -21.72 10.54
CA SER A 80 -11.91 -22.41 9.38
C SER A 80 -11.92 -21.45 8.15
N ALA A 81 -12.41 -20.19 8.33
CA ALA A 81 -12.47 -19.15 7.29
C ALA A 81 -11.09 -18.84 6.69
N SER A 82 -10.05 -18.83 7.53
CA SER A 82 -8.70 -18.56 7.11
C SER A 82 -8.13 -19.71 6.21
N VAL A 83 -8.77 -20.90 6.13
CA VAL A 83 -8.34 -21.98 5.23
C VAL A 83 -8.69 -21.54 3.79
N TYR A 84 -9.84 -20.86 3.64
CA TYR A 84 -10.34 -20.32 2.38
C TYR A 84 -9.53 -19.07 2.01
N TYR A 85 -9.48 -18.05 2.90
CA TYR A 85 -8.78 -16.79 2.61
C TYR A 85 -7.30 -17.02 2.34
N SER A 86 -6.64 -17.95 3.05
CA SER A 86 -5.23 -18.27 2.83
C SER A 86 -4.98 -18.67 1.36
N GLN A 87 -5.93 -19.39 0.73
CA GLN A 87 -5.85 -19.86 -0.66
C GLN A 87 -6.16 -18.74 -1.64
N LEU A 88 -7.12 -17.88 -1.25
CA LEU A 88 -7.59 -16.74 -2.02
C LEU A 88 -6.51 -15.66 -2.10
N MET A 89 -5.83 -15.42 -0.97
CA MET A 89 -4.82 -14.36 -0.85
C MET A 89 -3.40 -14.86 -1.11
N CYS A 90 -3.22 -16.20 -1.16
CA CYS A 90 -1.94 -16.88 -1.40
C CYS A 90 -0.90 -16.46 -0.35
N GLN A 91 -1.34 -16.46 0.93
CA GLN A 91 -0.54 -16.12 2.10
C GLN A 91 -1.26 -16.56 3.38
N PRO A 92 -0.58 -16.97 4.49
CA PRO A 92 -1.31 -17.31 5.73
C PRO A 92 -2.05 -16.09 6.33
N ILE A 93 -3.04 -16.34 7.20
CA ILE A 93 -3.87 -15.30 7.82
C ILE A 93 -3.51 -15.17 9.29
N LEU A 94 -3.41 -13.93 9.80
CA LEU A 94 -3.11 -13.75 11.22
C LEU A 94 -4.44 -13.59 11.98
N LEU A 95 -4.66 -14.47 12.95
CA LEU A 95 -5.92 -14.47 13.71
C LEU A 95 -5.74 -13.62 14.94
N LEU A 96 -6.40 -12.46 14.95
CA LEU A 96 -6.25 -11.47 15.97
C LEU A 96 -7.49 -11.32 16.85
N ASP A 97 -7.34 -11.58 18.18
CA ASP A 97 -8.40 -11.33 19.17
C ASP A 97 -8.62 -9.80 19.22
N GLN A 98 -9.88 -9.35 19.19
CA GLN A 98 -10.24 -7.93 19.23
C GLN A 98 -9.78 -7.24 20.51
N ALA A 99 -9.48 -8.03 21.56
CA ALA A 99 -9.06 -7.55 22.87
C ALA A 99 -7.64 -6.95 22.83
N LEU A 100 -6.86 -7.37 21.83
CA LEU A 100 -5.46 -6.88 21.72
C LEU A 100 -5.46 -5.49 21.11
N VAL A 101 -6.49 -5.16 20.33
CA VAL A 101 -6.57 -3.83 19.66
C VAL A 101 -7.69 -2.99 20.28
N SER A 102 -7.85 -3.08 21.59
CA SER A 102 -8.91 -2.30 22.29
C SER A 102 -8.57 -0.82 22.26
N ASP A 103 -7.51 -0.42 22.98
CA ASP A 103 -7.15 1.02 23.06
C ASP A 103 -6.05 1.32 22.02
N VAL A 104 -6.42 1.33 20.74
CA VAL A 104 -5.46 1.62 19.63
C VAL A 104 -5.47 3.12 19.34
N GLY A 105 -6.62 3.65 18.90
CA GLY A 105 -6.76 5.09 18.59
C GLY A 105 -8.22 5.52 18.62
N ASP A 106 -8.54 6.62 17.93
CA ASP A 106 -9.92 7.16 17.89
C ASP A 106 -10.06 8.12 16.71
N SER A 107 -10.20 7.57 15.49
CA SER A 107 -10.33 8.40 14.26
C SER A 107 -9.22 9.44 14.20
N ALA A 108 -9.48 10.64 14.72
CA ALA A 108 -8.47 11.74 14.72
C ALA A 108 -7.14 11.23 15.30
N GLU A 109 -7.21 10.52 16.43
CA GLU A 109 -5.99 9.99 17.09
C GLU A 109 -5.17 9.19 16.08
N VAL A 110 -5.83 8.35 15.28
CA VAL A 110 -5.14 7.54 14.27
C VAL A 110 -4.76 8.46 13.10
N ALA A 111 -5.65 9.41 12.70
CA ALA A 111 -5.37 10.38 11.62
C ALA A 111 -4.10 11.23 11.88
N VAL A 112 -3.84 11.60 13.15
CA VAL A 112 -2.67 12.41 13.48
C VAL A 112 -1.40 11.57 13.32
N LYS A 113 -1.46 10.26 13.64
CA LYS A 113 -0.38 9.26 13.49
C LYS A 113 -0.08 9.02 11.99
N MET A 114 -1.14 9.02 11.14
CA MET A 114 -1.11 8.89 9.68
C MET A 114 -0.44 10.09 9.05
N PHE A 115 -0.90 11.28 9.43
CA PHE A 115 -0.38 12.56 8.93
C PHE A 115 1.11 12.69 9.20
N ASP A 116 1.55 12.34 10.42
CA ASP A 116 2.97 12.39 10.83
C ASP A 116 3.79 11.46 9.93
N ALA A 117 3.21 10.31 9.53
CA ALA A 117 3.90 9.41 8.61
C ALA A 117 3.94 10.02 7.20
N TYR A 118 2.86 10.74 6.77
CA TYR A 118 2.82 11.40 5.45
C TYR A 118 3.87 12.48 5.34
N VAL A 119 4.08 13.22 6.44
CA VAL A 119 5.06 14.31 6.54
C VAL A 119 6.47 13.78 6.38
N ASN A 120 6.76 12.59 6.96
CA ASN A 120 8.09 12.00 6.86
C ASN A 120 8.39 11.52 5.44
N THR A 121 7.40 10.99 4.73
CA THR A 121 7.59 10.54 3.36
C THR A 121 7.70 11.73 2.42
N PHE A 122 6.93 12.81 2.69
CA PHE A 122 6.99 14.01 1.88
C PHE A 122 8.34 14.68 2.06
N SER A 123 8.82 14.79 3.31
CA SER A 123 10.11 15.40 3.64
C SER A 123 11.29 14.64 2.99
N SER A 124 11.31 13.30 3.05
CA SER A 124 12.41 12.53 2.47
C SER A 124 12.30 12.37 0.94
N THR A 125 11.09 12.41 0.36
CA THR A 125 10.94 12.27 -1.10
C THR A 125 11.42 13.53 -1.84
N PHE A 126 11.01 14.72 -1.39
CA PHE A 126 11.32 15.99 -2.05
C PHE A 126 12.48 16.74 -1.40
N ASN A 127 13.20 16.04 -0.48
CA ASN A 127 14.37 16.51 0.27
C ASN A 127 14.08 17.88 0.88
N VAL A 128 13.00 17.96 1.68
CA VAL A 128 12.59 19.20 2.32
C VAL A 128 12.97 19.18 3.83
N PRO A 129 13.72 20.19 4.33
CA PRO A 129 14.10 20.23 5.76
C PRO A 129 12.88 20.36 6.66
N MET A 130 12.84 19.58 7.76
CA MET A 130 11.72 19.50 8.69
C MET A 130 11.41 20.81 9.40
N GLU A 131 12.44 21.69 9.56
CA GLU A 131 12.30 23.00 10.17
C GLU A 131 11.40 23.92 9.31
N LYS A 132 11.45 23.77 7.96
CA LYS A 132 10.62 24.55 7.03
C LYS A 132 9.15 24.18 7.12
N LEU A 133 8.86 22.98 7.66
CA LEU A 133 7.51 22.44 7.77
C LEU A 133 6.91 22.61 9.15
N LYS A 134 7.75 22.91 10.15
CA LYS A 134 7.40 23.08 11.57
C LYS A 134 6.04 23.77 11.79
N THR A 135 5.80 24.93 11.14
CA THR A 135 4.60 25.77 11.26
C THR A 135 3.37 25.10 10.62
N LEU A 136 3.55 24.56 9.41
CA LEU A 136 2.51 23.90 8.62
C LEU A 136 2.07 22.58 9.26
N VAL A 137 2.98 21.94 10.03
CA VAL A 137 2.71 20.69 10.75
C VAL A 137 1.89 21.02 12.00
N ALA A 138 2.18 22.14 12.66
CA ALA A 138 1.48 22.58 13.88
C ALA A 138 0.03 22.96 13.58
N THR A 139 -0.22 23.71 12.48
CA THR A 139 -1.54 24.09 11.98
C THR A 139 -2.32 22.80 11.69
N ALA A 140 -1.73 21.92 10.85
CA ALA A 140 -2.32 20.67 10.41
C ALA A 140 -2.74 19.73 11.55
N GLU A 141 -1.95 19.66 12.62
CA GLU A 141 -2.21 18.79 13.78
C GLU A 141 -3.32 19.34 14.67
N ALA A 142 -3.41 20.67 14.80
CA ALA A 142 -4.43 21.36 15.57
C ALA A 142 -5.79 21.33 14.85
N GLU A 143 -5.75 21.18 13.52
CA GLU A 143 -6.94 21.08 12.68
C GLU A 143 -7.44 19.64 12.70
N LEU A 144 -6.56 18.63 12.72
CA LEU A 144 -6.99 17.23 12.81
C LEU A 144 -7.72 16.97 14.14
N ALA A 145 -7.29 17.68 15.20
CA ALA A 145 -7.88 17.62 16.54
C ALA A 145 -9.24 18.35 16.58
N LYS A 146 -9.50 19.19 15.56
CA LYS A 146 -10.75 19.93 15.41
C LYS A 146 -11.74 19.09 14.57
N ASN A 147 -11.31 17.86 14.18
CA ASN A 147 -12.04 16.83 13.41
C ASN A 147 -12.21 17.24 11.93
N VAL A 148 -11.22 17.98 11.42
CA VAL A 148 -11.13 18.40 10.03
C VAL A 148 -10.54 17.21 9.28
N SER A 149 -11.25 16.76 8.25
CA SER A 149 -10.90 15.63 7.38
C SER A 149 -9.39 15.57 7.07
N LEU A 150 -8.79 14.37 7.14
CA LEU A 150 -7.39 14.09 6.84
C LEU A 150 -7.02 14.50 5.40
N ASP A 151 -7.92 14.28 4.43
CA ASP A 151 -7.71 14.64 3.02
C ASP A 151 -7.63 16.15 2.86
N ASN A 152 -8.44 16.90 3.64
CA ASN A 152 -8.41 18.35 3.67
C ASN A 152 -7.11 18.85 4.27
N VAL A 153 -6.77 18.40 5.48
CA VAL A 153 -5.54 18.78 6.20
C VAL A 153 -4.29 18.41 5.34
N LEU A 154 -4.25 17.20 4.74
CA LEU A 154 -3.13 16.76 3.89
C LEU A 154 -2.99 17.66 2.65
N SER A 155 -4.08 17.85 1.92
CA SER A 155 -4.14 18.69 0.72
C SER A 155 -3.73 20.16 1.03
N THR A 156 -4.23 20.75 2.16
CA THR A 156 -3.91 22.11 2.59
C THR A 156 -2.41 22.17 2.88
N PHE A 157 -1.86 21.15 3.58
CA PHE A 157 -0.45 21.03 3.94
C PHE A 157 0.44 20.97 2.68
N ILE A 158 0.11 20.09 1.70
CA ILE A 158 0.91 19.88 0.49
C ILE A 158 0.94 21.17 -0.34
N SER A 159 -0.22 21.81 -0.61
CA SER A 159 -0.29 23.08 -1.35
C SER A 159 0.61 24.17 -0.75
N ALA A 160 0.69 24.23 0.59
CA ALA A 160 1.49 25.25 1.29
C ALA A 160 2.98 24.87 1.33
N ALA A 161 3.29 23.61 1.65
CA ALA A 161 4.64 23.07 1.81
C ALA A 161 5.36 22.81 0.49
N ARG A 162 4.64 22.65 -0.61
CA ARG A 162 5.18 22.29 -1.93
C ARG A 162 6.14 23.35 -2.54
N GLN A 163 5.92 24.67 -2.30
CA GLN A 163 6.72 25.77 -2.89
C GLN A 163 8.23 25.48 -2.83
N GLY A 164 8.84 25.42 -4.02
CA GLY A 164 10.27 25.21 -4.19
C GLY A 164 10.78 23.79 -4.06
N PHE A 165 9.94 22.84 -3.62
CA PHE A 165 10.38 21.44 -3.46
C PHE A 165 9.75 20.51 -4.46
N VAL A 166 8.53 20.80 -4.89
CA VAL A 166 7.79 20.01 -5.88
C VAL A 166 7.68 20.83 -7.15
N ASP A 167 7.91 20.18 -8.31
CA ASP A 167 7.76 20.81 -9.63
C ASP A 167 6.33 21.32 -9.83
N SER A 168 6.21 22.42 -10.58
CA SER A 168 4.95 23.08 -10.90
C SER A 168 4.10 22.20 -11.82
N ASP A 169 4.77 21.33 -12.61
CA ASP A 169 4.15 20.37 -13.53
C ASP A 169 3.29 19.31 -12.80
N VAL A 170 3.74 18.85 -11.61
CA VAL A 170 3.01 17.85 -10.85
C VAL A 170 1.89 18.51 -10.06
N GLU A 171 0.72 17.86 -10.05
CA GLU A 171 -0.48 18.24 -9.32
C GLU A 171 -0.45 17.78 -7.85
N THR A 172 -0.97 18.64 -6.94
CA THR A 172 -1.04 18.41 -5.50
C THR A 172 -1.76 17.11 -5.18
N LYS A 173 -2.89 16.87 -5.85
CA LYS A 173 -3.75 15.68 -5.71
C LYS A 173 -2.94 14.38 -5.93
N ASP A 174 -1.96 14.39 -6.86
CA ASP A 174 -1.12 13.23 -7.17
C ASP A 174 -0.09 12.98 -6.07
N VAL A 175 0.42 14.05 -5.42
CA VAL A 175 1.33 13.94 -4.28
C VAL A 175 0.56 13.33 -3.13
N VAL A 176 -0.66 13.85 -2.86
CA VAL A 176 -1.58 13.40 -1.82
C VAL A 176 -1.80 11.91 -1.95
N GLU A 177 -2.29 11.42 -3.13
CA GLU A 177 -2.49 9.99 -3.37
C GLU A 177 -1.19 9.18 -3.18
N CYS A 178 -0.05 9.67 -3.71
CA CYS A 178 1.27 9.01 -3.53
C CYS A 178 1.54 8.76 -2.04
N LEU A 179 1.37 9.79 -1.17
CA LEU A 179 1.63 9.74 0.26
C LEU A 179 0.74 8.70 0.96
N LYS A 180 -0.57 8.77 0.69
CA LYS A 180 -1.59 7.91 1.28
C LYS A 180 -1.30 6.47 1.02
N LEU A 181 -1.08 6.13 -0.28
CA LEU A 181 -0.79 4.81 -0.82
C LEU A 181 0.53 4.31 -0.33
N SER A 182 1.57 5.17 -0.38
CA SER A 182 2.92 4.89 0.14
C SER A 182 2.86 4.31 1.54
N HIS A 183 2.06 4.96 2.42
CA HIS A 183 1.89 4.54 3.80
C HIS A 183 1.03 3.25 3.92
N GLN A 184 0.04 3.03 3.04
CA GLN A 184 -0.83 1.85 3.13
C GLN A 184 -0.17 0.52 2.76
N SER A 185 0.74 0.54 1.78
CA SER A 185 1.34 -0.69 1.30
C SER A 185 2.88 -0.63 1.35
N ASP A 186 3.46 0.38 2.02
CA ASP A 186 4.89 0.59 2.21
C ASP A 186 5.62 0.61 0.84
N ILE A 187 5.13 1.49 -0.05
CA ILE A 187 5.63 1.65 -1.42
C ILE A 187 6.55 2.89 -1.48
N GLU A 188 7.75 2.75 -2.11
CA GLU A 188 8.67 3.87 -2.26
C GLU A 188 8.05 4.92 -3.23
N VAL A 189 8.22 6.21 -2.89
CA VAL A 189 7.71 7.31 -3.67
C VAL A 189 8.89 8.08 -4.25
N THR A 190 8.75 8.53 -5.52
CA THR A 190 9.78 9.35 -6.17
C THR A 190 9.12 10.50 -6.97
N GLY A 191 9.94 11.47 -7.34
CA GLY A 191 9.53 12.61 -8.17
C GLY A 191 10.00 12.41 -9.59
N ASP A 192 10.68 11.27 -9.85
CA ASP A 192 11.27 10.89 -11.13
C ASP A 192 10.25 10.44 -12.14
N SER A 193 10.63 10.59 -13.42
CA SER A 193 9.88 10.21 -14.60
C SER A 193 9.45 8.76 -14.50
N CYS A 194 8.16 8.47 -14.77
CA CYS A 194 7.64 7.11 -14.72
C CYS A 194 8.09 6.31 -15.95
N ASN A 195 7.82 5.02 -15.94
CA ASN A 195 8.10 4.13 -17.07
C ASN A 195 6.89 3.26 -17.34
N ASN A 196 6.07 3.04 -16.32
CA ASN A 196 4.90 2.16 -16.34
C ASN A 196 5.29 0.78 -16.88
N TYR A 197 6.52 0.33 -16.53
CA TYR A 197 7.02 -0.99 -16.92
C TYR A 197 6.40 -2.01 -15.98
N MET A 198 6.13 -3.18 -16.54
CA MET A 198 5.44 -4.31 -15.93
C MET A 198 6.16 -5.58 -16.33
N LEU A 199 6.34 -6.53 -15.37
CA LEU A 199 7.02 -7.79 -15.68
C LEU A 199 6.17 -8.64 -16.62
N THR A 200 6.85 -9.41 -17.49
CA THR A 200 6.30 -10.30 -18.53
C THR A 200 5.41 -11.40 -17.88
N TYR A 201 5.66 -11.70 -16.59
CA TYR A 201 4.94 -12.64 -15.72
C TYR A 201 3.41 -12.33 -15.68
N ASN A 202 3.03 -11.03 -15.61
CA ASN A 202 1.64 -10.57 -15.59
C ASN A 202 1.17 -10.50 -17.06
N LYS A 203 0.59 -11.60 -17.55
CA LYS A 203 0.19 -11.78 -18.94
C LYS A 203 -1.14 -11.09 -19.30
N VAL A 204 -1.20 -10.54 -20.53
CA VAL A 204 -2.35 -9.87 -21.15
C VAL A 204 -3.57 -10.82 -21.18
N GLU A 205 -3.34 -12.13 -21.43
CA GLU A 205 -4.36 -13.20 -21.48
C GLU A 205 -5.20 -13.32 -20.21
N ASN A 206 -4.65 -12.90 -19.05
CA ASN A 206 -5.29 -13.00 -17.74
C ASN A 206 -5.87 -11.66 -17.24
N MET A 207 -5.67 -10.58 -18.00
CA MET A 207 -6.22 -9.27 -17.67
C MET A 207 -7.68 -9.17 -18.10
N THR A 208 -8.47 -8.41 -17.34
CA THR A 208 -9.87 -8.11 -17.62
C THR A 208 -9.91 -7.01 -18.69
N PRO A 209 -11.04 -6.74 -19.40
CA PRO A 209 -11.05 -5.62 -20.36
C PRO A 209 -10.67 -4.27 -19.71
N ARG A 210 -11.07 -4.04 -18.43
CA ARG A 210 -10.73 -2.82 -17.70
C ARG A 210 -9.23 -2.75 -17.45
N ASP A 211 -8.57 -3.89 -17.17
CA ASP A 211 -7.15 -3.89 -16.89
C ASP A 211 -6.32 -3.73 -18.15
N LEU A 212 -6.70 -4.43 -19.25
CA LEU A 212 -5.98 -4.32 -20.51
C LEU A 212 -6.14 -2.92 -21.11
N GLY A 213 -7.36 -2.40 -21.10
CA GLY A 213 -7.66 -1.07 -21.59
C GLY A 213 -6.93 0.03 -20.83
N ALA A 214 -6.85 -0.11 -19.47
CA ALA A 214 -6.17 0.83 -18.56
C ALA A 214 -4.65 0.85 -18.85
N CYS A 215 -4.09 -0.33 -19.17
CA CYS A 215 -2.70 -0.52 -19.55
C CYS A 215 -2.39 0.18 -20.88
N ILE A 216 -3.24 -0.03 -21.87
CA ILE A 216 -3.12 0.58 -23.21
C ILE A 216 -3.27 2.12 -23.06
N ASP A 217 -4.20 2.57 -22.18
CA ASP A 217 -4.46 3.99 -21.96
C ASP A 217 -3.24 4.71 -21.39
N CYS A 218 -2.51 4.10 -20.42
CA CYS A 218 -1.34 4.73 -19.81
C CYS A 218 -0.02 4.34 -20.50
N SER A 219 -0.09 3.61 -21.65
CA SER A 219 1.07 3.17 -22.46
C SER A 219 2.03 2.28 -21.63
N ALA A 220 1.44 1.35 -20.84
CA ALA A 220 2.18 0.39 -20.04
C ALA A 220 2.96 -0.53 -20.96
N ARG A 221 4.22 -0.82 -20.61
CA ARG A 221 5.07 -1.68 -21.43
C ARG A 221 5.50 -2.90 -20.64
N HIS A 222 5.73 -4.01 -21.35
CA HIS A 222 6.18 -5.28 -20.78
C HIS A 222 7.70 -5.38 -20.79
N ILE A 223 8.29 -5.82 -19.67
CA ILE A 223 9.75 -6.02 -19.53
C ILE A 223 10.00 -7.45 -19.02
N ASN A 224 10.98 -8.12 -19.64
CA ASN A 224 11.36 -9.46 -19.24
C ASN A 224 12.14 -9.38 -17.93
N ALA A 225 11.77 -10.26 -16.97
CA ALA A 225 12.36 -10.36 -15.64
C ALA A 225 13.89 -10.35 -15.66
N GLN A 226 14.53 -11.14 -16.55
CA GLN A 226 15.99 -11.21 -16.63
C GLN A 226 16.61 -9.94 -17.24
N VAL A 227 15.96 -9.35 -18.27
CA VAL A 227 16.43 -8.11 -18.92
C VAL A 227 16.35 -6.98 -17.88
N ALA A 228 15.31 -7.00 -17.04
CA ALA A 228 15.10 -6.02 -15.98
C ALA A 228 16.09 -6.22 -14.82
N LYS A 229 16.39 -7.49 -14.42
CA LYS A 229 17.29 -7.83 -13.31
C LYS A 229 18.75 -7.46 -13.59
N SER A 230 19.27 -7.88 -14.75
CA SER A 230 20.66 -7.65 -15.18
C SER A 230 20.99 -6.17 -15.39
N HIS A 231 19.99 -5.35 -15.75
CA HIS A 231 20.14 -3.91 -16.01
C HIS A 231 19.73 -3.08 -14.77
N ASN A 232 19.28 -3.77 -13.68
CA ASN A 232 18.85 -3.23 -12.37
C ASN A 232 17.73 -2.18 -12.53
N ILE A 233 16.79 -2.47 -13.45
CA ILE A 233 15.63 -1.64 -13.82
C ILE A 233 14.61 -1.59 -12.69
N ALA A 234 14.18 -0.38 -12.34
CA ALA A 234 13.12 -0.19 -11.36
C ALA A 234 11.80 0.07 -12.09
N LEU A 235 10.71 -0.50 -11.56
CA LEU A 235 9.37 -0.29 -12.12
C LEU A 235 8.82 0.95 -11.45
N ILE A 236 8.64 2.03 -12.24
CA ILE A 236 8.19 3.32 -11.72
C ILE A 236 6.86 3.68 -12.37
N TRP A 237 5.78 3.63 -11.60
CA TRP A 237 4.45 3.90 -12.10
C TRP A 237 3.92 5.23 -11.65
N ASN A 238 3.19 5.91 -12.55
CA ASN A 238 2.53 7.14 -12.20
C ASN A 238 1.35 6.74 -11.30
N VAL A 239 1.15 7.47 -10.20
CA VAL A 239 0.12 7.12 -9.21
C VAL A 239 -1.27 6.98 -9.84
N LYS A 240 -1.67 7.89 -10.76
CA LYS A 240 -2.98 7.88 -11.38
C LYS A 240 -3.13 6.67 -12.28
N ASP A 241 -2.10 6.39 -13.09
CA ASP A 241 -2.02 5.28 -14.03
C ASP A 241 -2.08 3.98 -13.29
N PHE A 242 -1.29 3.86 -12.21
CA PHE A 242 -1.30 2.68 -11.38
C PHE A 242 -2.67 2.44 -10.73
N MET A 243 -3.35 3.48 -10.28
CA MET A 243 -4.65 3.42 -9.62
C MET A 243 -5.83 3.14 -10.58
N SER A 244 -5.63 3.32 -11.91
CA SER A 244 -6.64 3.02 -12.95
C SER A 244 -6.77 1.49 -13.15
N LEU A 245 -5.79 0.76 -12.61
CA LEU A 245 -5.64 -0.69 -12.63
C LEU A 245 -6.40 -1.33 -11.47
N SER A 246 -6.71 -2.61 -11.61
CA SER A 246 -7.42 -3.33 -10.54
C SER A 246 -6.47 -3.69 -9.42
N GLU A 247 -7.02 -3.81 -8.22
CA GLU A 247 -6.42 -4.16 -6.94
C GLU A 247 -5.58 -5.45 -7.09
N GLN A 248 -6.11 -6.42 -7.82
CA GLN A 248 -5.47 -7.70 -8.09
C GLN A 248 -4.23 -7.49 -8.96
N LEU A 249 -4.37 -6.68 -10.04
CA LEU A 249 -3.28 -6.38 -10.97
C LEU A 249 -2.20 -5.55 -10.30
N ARG A 250 -2.58 -4.54 -9.49
CA ARG A 250 -1.62 -3.70 -8.74
C ARG A 250 -0.77 -4.59 -7.82
N LYS A 251 -1.42 -5.50 -7.05
CA LYS A 251 -0.74 -6.44 -6.15
C LYS A 251 0.22 -7.38 -6.90
N GLN A 252 -0.23 -7.98 -8.04
CA GLN A 252 0.56 -8.88 -8.90
C GLN A 252 1.83 -8.22 -9.47
N ILE A 253 1.74 -6.96 -9.95
CA ILE A 253 2.87 -6.20 -10.51
C ILE A 253 3.95 -6.01 -9.43
N ARG A 254 3.51 -5.69 -8.20
CA ARG A 254 4.40 -5.41 -7.08
C ARG A 254 5.06 -6.66 -6.58
N SER A 255 4.30 -7.76 -6.38
CA SER A 255 4.86 -9.05 -5.91
C SER A 255 5.86 -9.64 -6.92
N ALA A 256 5.60 -9.51 -8.24
CA ALA A 256 6.50 -9.95 -9.32
C ALA A 256 7.80 -9.15 -9.28
N ALA A 257 7.74 -7.82 -9.01
CA ALA A 257 8.92 -6.97 -8.87
C ALA A 257 9.74 -7.42 -7.62
N LYS A 258 9.05 -7.70 -6.49
CA LYS A 258 9.67 -8.17 -5.26
C LYS A 258 10.30 -9.58 -5.44
N LYS A 259 9.68 -10.46 -6.24
CA LYS A 259 10.20 -11.81 -6.56
C LYS A 259 11.58 -11.73 -7.22
N ASN A 260 11.77 -10.72 -8.09
CA ASN A 260 12.97 -10.48 -8.90
C ASN A 260 13.88 -9.40 -8.33
N ASN A 261 13.61 -8.96 -7.08
CA ASN A 261 14.37 -7.94 -6.32
C ASN A 261 14.49 -6.63 -7.11
N LEU A 262 13.42 -6.28 -7.82
CA LEU A 262 13.35 -5.07 -8.60
C LEU A 262 12.64 -4.00 -7.81
N PRO A 263 13.26 -2.80 -7.66
CA PRO A 263 12.56 -1.73 -6.92
C PRO A 263 11.24 -1.32 -7.58
N PHE A 264 10.19 -1.17 -6.75
CA PHE A 264 8.89 -0.68 -7.18
C PHE A 264 8.67 0.68 -6.51
N LYS A 265 8.39 1.69 -7.35
CA LYS A 265 8.14 3.06 -6.92
C LYS A 265 6.90 3.64 -7.59
N LEU A 266 6.22 4.53 -6.85
CA LEU A 266 5.12 5.35 -7.33
C LEU A 266 5.66 6.75 -7.55
N THR A 267 5.20 7.41 -8.62
CA THR A 267 5.61 8.79 -8.88
C THR A 267 4.40 9.68 -9.10
N CYS A 268 4.56 10.96 -8.76
CA CYS A 268 3.55 11.99 -8.94
C CYS A 268 3.80 12.69 -10.28
N ALA A 269 4.98 12.42 -10.91
CA ALA A 269 5.38 12.91 -12.22
C ALA A 269 4.58 12.30 -13.35
N THR A 270 4.43 13.05 -14.47
CA THR A 270 3.72 12.60 -15.68
C THR A 270 4.71 12.45 -16.84
N THR A 271 5.99 12.84 -16.63
CA THR A 271 7.04 12.74 -17.65
C THR A 271 7.50 11.28 -17.74
N ARG A 272 7.79 10.80 -18.96
CA ARG A 272 8.20 9.40 -19.18
C ARG A 272 9.70 9.30 -19.35
N GLN A 273 10.32 8.28 -18.74
CA GLN A 273 11.76 8.07 -18.89
C GLN A 273 12.00 7.37 -20.23
N VAL A 274 13.10 7.75 -20.93
CA VAL A 274 13.46 7.27 -22.27
C VAL A 274 13.72 5.76 -22.30
N VAL A 275 13.07 5.09 -23.27
CA VAL A 275 13.15 3.65 -23.53
C VAL A 275 14.56 3.34 -24.07
N ASN A 276 15.42 2.88 -23.16
CA ASN A 276 16.82 2.51 -23.41
C ASN A 276 17.03 0.98 -23.30
N VAL A 277 15.93 0.25 -22.98
CA VAL A 277 15.90 -1.21 -22.83
C VAL A 277 14.87 -1.83 -23.78
N VAL A 278 15.08 -3.11 -24.15
CA VAL A 278 14.18 -3.87 -25.02
C VAL A 278 12.90 -4.13 -24.22
N THR A 279 11.85 -3.40 -24.56
CA THR A 279 10.56 -3.51 -23.89
C THR A 279 9.43 -3.44 -24.94
N THR A 280 8.47 -4.39 -24.87
CA THR A 280 7.34 -4.46 -25.81
C THR A 280 6.08 -3.82 -25.21
N LYS A 281 5.42 -2.93 -25.98
CA LYS A 281 4.20 -2.25 -25.54
C LYS A 281 3.05 -3.25 -25.46
N ILE A 282 2.30 -3.19 -24.35
CA ILE A 282 1.15 -4.04 -24.09
C ILE A 282 0.04 -3.70 -25.10
N ALA A 283 -0.35 -4.69 -25.90
CA ALA A 283 -1.37 -4.56 -26.92
C ALA A 283 -2.37 -5.70 -26.81
N LEU A 284 -3.54 -5.56 -27.49
CA LEU A 284 -4.57 -6.60 -27.54
C LEU A 284 -3.97 -7.88 -28.12
N LYS A 285 -4.31 -9.05 -27.52
CA LYS A 285 -3.83 -10.39 -27.87
C LYS A 285 -3.76 -10.66 -29.41
N GLY A 286 -4.75 -10.15 -30.16
CA GLY A 286 -4.81 -10.28 -31.61
C GLY A 286 -3.78 -9.41 -32.33
N GLY A 287 -3.83 -8.09 -32.05
CA GLY A 287 -2.92 -7.10 -32.61
C GLY A 287 -3.01 -5.75 -31.94
C1 GOL B . -0.90 -5.15 3.53
O1 GOL B . -0.88 -4.27 4.65
C2 GOL B . -0.37 -4.46 2.29
O2 GOL B . 1.06 -4.57 2.24
C3 GOL B . -0.98 -5.03 1.02
O3 GOL B . -0.59 -4.25 -0.11
C1 GOL C . 8.32 0.23 10.97
O1 GOL C . 7.74 -0.89 10.32
C2 GOL C . 7.27 1.23 11.40
O2 GOL C . 6.44 0.65 12.41
C3 GOL C . 7.92 2.47 11.96
O3 GOL C . 8.33 3.35 10.92
C1 GOL D . 14.47 11.50 -14.01
O1 GOL D . 14.22 10.43 -14.91
C2 GOL D . 13.55 12.67 -14.25
O2 GOL D . 13.53 13.53 -13.11
C3 GOL D . 13.96 13.48 -15.47
O3 GOL D . 13.14 14.62 -15.65
C1 GOL E . -17.29 -19.76 -2.72
O1 GOL E . -16.03 -19.88 -3.39
C2 GOL E . -17.50 -18.36 -2.19
O2 GOL E . -18.90 -18.10 -2.03
C3 GOL E . -16.80 -18.19 -0.86
O3 GOL E . -16.53 -16.82 -0.61
C1 GOL F . -4.11 -2.51 -3.21
O1 GOL F . -4.49 -3.64 -4.01
C2 GOL F . -3.07 -1.67 -3.91
O2 GOL F . -2.96 -0.40 -3.24
C3 GOL F . -1.72 -2.37 -3.93
O3 GOL F . -0.77 -1.53 -4.54
C1 GOL G . -18.20 -14.56 1.09
O1 GOL G . -18.61 -15.15 -0.13
C2 GOL G . -19.35 -13.92 1.83
O2 GOL G . -20.26 -14.92 2.28
C3 GOL G . -18.88 -13.08 2.99
O3 GOL G . -18.69 -13.84 4.17
#